data_2H5N
#
_entry.id   2H5N
#
_cell.length_a   79.961
_cell.length_b   84.826
_cell.length_c   164.535
_cell.angle_alpha   90.00
_cell.angle_beta   90.00
_cell.angle_gamma   90.00
#
_symmetry.space_group_name_H-M   'C 2 2 21'
#
loop_
_entity.id
_entity.type
_entity.pdbx_description
1 polymer 'Hypothetical protein PG_1108'
2 non-polymer 'MAGNESIUM ION'
3 water water
#
_entity_poly.entity_id   1
_entity_poly.type   'polypeptide(L)'
_entity_poly.pdbx_seq_one_letter_code
;MGLGRQSLNIMTFSGQELTAIIKMAKSMVMADGKIKPAEIAVMTREFMRFGILQDQVDLLLKASDSIEASQAVALIARMD
EERKKYVASYLGVIMASDGDIDDNELALWTLISTLCGLPTMTVMEAINNMKNL
;
_entity_poly.pdbx_strand_id   A,B,C,D
#
# COMPACT_ATOMS: atom_id res chain seq x y z
N MET A 1 12.26 42.85 42.33
CA MET A 1 11.80 41.78 41.49
C MET A 1 11.10 40.58 42.03
N GLY A 2 9.89 40.48 41.59
CA GLY A 2 9.00 39.38 41.98
C GLY A 2 8.98 38.24 40.98
N LEU A 3 9.64 37.13 41.32
CA LEU A 3 9.52 35.87 40.58
C LEU A 3 8.85 34.89 41.54
N GLY A 4 7.53 34.72 41.57
CA GLY A 4 6.61 34.62 40.50
C GLY A 4 6.37 33.11 40.67
N ARG A 5 5.15 32.67 40.93
CA ARG A 5 4.94 31.21 40.88
C ARG A 5 5.25 30.65 39.48
N GLN A 6 5.91 29.49 39.47
CA GLN A 6 6.21 28.79 38.26
C GLN A 6 5.07 27.84 37.97
N SER A 7 4.77 27.72 36.68
CA SER A 7 3.74 26.83 36.19
C SER A 7 4.49 25.93 35.20
N LEU A 8 4.38 24.61 35.38
CA LEU A 8 4.97 23.64 34.45
C LEU A 8 3.87 22.83 33.82
N ASN A 9 4.01 22.56 32.54
CA ASN A 9 3.19 21.59 31.85
C ASN A 9 4.05 20.69 31.03
N ILE A 10 3.56 19.49 30.80
CA ILE A 10 4.24 18.57 29.90
C ILE A 10 3.20 18.00 28.97
N MET A 11 3.52 17.89 27.69
CA MET A 11 2.55 17.35 26.73
C MET A 11 2.76 15.85 26.75
N THR A 12 1.74 15.09 27.12
CA THR A 12 1.92 13.63 27.26
C THR A 12 1.06 12.85 26.27
N PHE A 13 1.56 11.69 25.85
CA PHE A 13 0.80 10.79 24.98
C PHE A 13 0.90 9.35 25.43
N SER A 14 -0.24 8.68 25.55
CA SER A 14 -0.26 7.22 25.82
C SER A 14 0.37 6.47 24.66
N GLY A 15 0.81 5.24 24.91
CA GLY A 15 1.23 4.31 23.87
C GLY A 15 0.23 4.14 22.73
N GLN A 16 -1.07 4.04 23.03
N GLN A 16 -1.04 4.08 23.09
CA GLN A 16 -2.02 3.85 21.92
CA GLN A 16 -2.12 3.90 22.13
C GLN A 16 -2.28 5.17 21.16
C GLN A 16 -2.24 5.14 21.22
N GLU A 17 -2.14 6.32 21.83
CA GLU A 17 -2.19 7.62 21.13
C GLU A 17 -1.01 7.78 20.18
N LEU A 18 0.20 7.43 20.63
CA LEU A 18 1.38 7.46 19.79
C LEU A 18 1.25 6.55 18.57
N THR A 19 0.74 5.32 18.78
CA THR A 19 0.47 4.38 17.71
C THR A 19 -0.53 5.01 16.72
N ALA A 20 -1.55 5.67 17.26
CA ALA A 20 -2.56 6.36 16.43
C ALA A 20 -1.99 7.48 15.55
N ILE A 21 -1.12 8.30 16.15
CA ILE A 21 -0.43 9.36 15.42
C ILE A 21 0.35 8.82 14.22
N ILE A 22 1.16 7.82 14.48
CA ILE A 22 1.97 7.21 13.43
C ILE A 22 1.12 6.48 12.33
N LYS A 23 -0.01 5.87 12.73
CA LYS A 23 -0.98 5.27 11.79
C LYS A 23 -1.65 6.35 10.88
N MET A 24 -1.92 7.51 11.44
CA MET A 24 -2.45 8.62 10.62
C MET A 24 -1.43 9.10 9.59
N ALA A 25 -0.18 9.16 10.01
CA ALA A 25 0.94 9.60 9.17
C ALA A 25 1.22 8.64 8.04
N LYS A 26 1.26 7.34 8.37
CA LYS A 26 1.28 6.29 7.35
C LYS A 26 0.12 6.37 6.31
N SER A 27 -1.09 6.52 6.80
CA SER A 27 -2.25 6.53 5.94
C SER A 27 -2.16 7.70 4.99
N MET A 28 -1.80 8.88 5.52
CA MET A 28 -1.67 10.10 4.69
C MET A 28 -0.65 9.93 3.57
N VAL A 29 0.56 9.44 3.91
CA VAL A 29 1.66 9.28 2.93
C VAL A 29 1.47 8.11 1.94
N MET A 30 0.73 7.08 2.32
CA MET A 30 0.41 5.99 1.37
C MET A 30 -0.72 6.38 0.43
N ALA A 31 -1.45 7.45 0.73
CA ALA A 31 -2.70 7.68 -0.02
C ALA A 31 -2.52 7.68 -1.54
N ASP A 32 -1.48 8.34 -2.03
CA ASP A 32 -1.26 8.40 -3.47
C ASP A 32 -0.53 7.20 -4.06
N GLY A 33 -0.24 6.20 -3.22
CA GLY A 33 0.25 4.90 -3.67
C GLY A 33 1.71 4.89 -4.07
N LYS A 34 2.40 5.99 -3.76
CA LYS A 34 3.80 6.16 -4.12
C LYS A 34 4.66 6.29 -2.90
N ILE A 35 5.89 5.78 -2.94
CA ILE A 35 6.79 6.04 -1.79
C ILE A 35 7.83 7.12 -2.06
N LYS A 36 7.83 8.15 -1.22
CA LYS A 36 8.86 9.20 -1.20
C LYS A 36 9.68 9.06 0.08
N PRO A 37 10.86 8.39 0.00
CA PRO A 37 11.76 8.16 1.14
C PRO A 37 12.02 9.39 2.02
N ALA A 38 12.08 10.58 1.41
CA ALA A 38 12.21 11.84 2.16
C ALA A 38 11.05 12.18 3.11
N GLU A 39 9.82 11.99 2.65
CA GLU A 39 8.63 12.16 3.51
C GLU A 39 8.62 11.19 4.72
N ILE A 40 9.00 9.95 4.45
CA ILE A 40 9.11 8.89 5.47
C ILE A 40 10.17 9.20 6.57
N ALA A 41 11.30 9.73 6.16
CA ALA A 41 12.34 10.16 7.09
C ALA A 41 11.91 11.32 8.01
N VAL A 42 11.23 12.33 7.45
CA VAL A 42 10.67 13.45 8.24
C VAL A 42 9.65 12.88 9.20
N MET A 43 8.82 11.95 8.69
CA MET A 43 7.82 11.25 9.53
C MET A 43 8.49 10.63 10.77
N THR A 44 9.53 9.82 10.58
CA THR A 44 10.11 9.19 11.74
C THR A 44 10.94 10.17 12.60
N ARG A 45 11.66 11.09 11.97
CA ARG A 45 12.50 12.05 12.73
C ARG A 45 11.60 12.94 13.62
N GLU A 46 10.55 13.51 13.04
CA GLU A 46 9.68 14.41 13.78
C GLU A 46 8.78 13.72 14.82
N PHE A 47 8.51 12.42 14.64
CA PHE A 47 7.77 11.60 15.62
C PHE A 47 8.47 11.62 17.00
N MET A 48 9.79 11.68 17.00
CA MET A 48 10.54 11.78 18.24
C MET A 48 10.16 13.01 19.06
N ARG A 49 9.71 14.08 18.40
CA ARG A 49 9.33 15.30 19.11
C ARG A 49 8.15 15.07 20.02
N PHE A 50 7.51 13.90 19.86
CA PHE A 50 6.37 13.49 20.70
C PHE A 50 6.77 12.90 22.03
N GLY A 51 8.08 12.76 22.23
CA GLY A 51 8.65 12.49 23.53
C GLY A 51 9.06 11.08 23.78
N ILE A 52 9.50 10.40 22.74
CA ILE A 52 9.99 9.02 22.88
C ILE A 52 11.48 8.92 22.55
N LEU A 53 12.11 7.85 23.05
CA LEU A 53 13.48 7.51 22.70
C LEU A 53 13.55 6.72 21.39
N GLN A 54 14.64 6.90 20.64
CA GLN A 54 14.78 6.42 19.27
C GLN A 54 14.50 4.93 19.16
N ASP A 55 14.91 4.18 20.19
CA ASP A 55 14.79 2.72 20.25
C ASP A 55 13.40 2.21 20.63
N GLN A 56 12.47 3.13 20.89
CA GLN A 56 11.06 2.81 21.09
C GLN A 56 10.28 2.99 19.81
N VAL A 57 10.87 3.73 18.86
CA VAL A 57 10.17 4.11 17.63
C VAL A 57 9.79 2.85 16.85
N ASP A 58 10.73 1.93 16.70
CA ASP A 58 10.50 0.77 15.83
C ASP A 58 9.29 -0.07 16.30
N LEU A 59 9.15 -0.26 17.61
CA LEU A 59 8.04 -1.08 18.15
C LEU A 59 6.69 -0.38 18.15
N LEU A 60 6.71 0.95 18.21
CA LEU A 60 5.47 1.72 18.10
C LEU A 60 4.96 1.65 16.69
N LEU A 61 5.91 1.66 15.76
CA LEU A 61 5.61 1.58 14.32
C LEU A 61 5.03 0.22 13.97
N LYS A 62 5.55 -0.80 14.66
CA LYS A 62 5.10 -2.17 14.54
C LYS A 62 3.73 -2.33 15.22
N ALA A 63 3.50 -1.61 16.32
CA ALA A 63 2.18 -1.62 16.98
C ALA A 63 1.09 -1.03 16.07
N SER A 64 1.46 -0.05 15.23
CA SER A 64 0.50 0.59 14.34
C SER A 64 -0.15 -0.37 13.31
N ASP A 65 0.58 -1.42 12.92
CA ASP A 65 0.05 -2.42 12.00
C ASP A 65 -1.02 -3.33 12.64
N SER A 66 -1.10 -3.37 13.96
CA SER A 66 -2.11 -4.21 14.60
C SER A 66 -3.38 -3.44 14.94
N ILE A 67 -3.43 -2.15 14.62
CA ILE A 67 -4.64 -1.40 14.88
C ILE A 67 -5.27 -0.89 13.60
N GLU A 68 -6.58 -0.79 13.63
CA GLU A 68 -7.36 -0.22 12.55
C GLU A 68 -7.16 1.31 12.42
N ALA A 69 -7.09 1.80 11.19
CA ALA A 69 -7.04 3.24 10.95
C ALA A 69 -8.22 3.92 11.64
N SER A 70 -9.38 3.29 11.66
CA SER A 70 -10.58 3.92 12.25
C SER A 70 -10.46 4.12 13.77
N GLN A 71 -9.73 3.22 14.42
CA GLN A 71 -9.49 3.33 15.85
C GLN A 71 -8.50 4.44 16.18
N ALA A 72 -7.50 4.62 15.32
CA ALA A 72 -6.54 5.75 15.48
C ALA A 72 -7.29 7.08 15.39
N VAL A 73 -8.22 7.18 14.45
CA VAL A 73 -9.06 8.38 14.31
C VAL A 73 -9.82 8.69 15.62
N ALA A 74 -10.57 7.71 16.13
CA ALA A 74 -11.26 7.82 17.46
C ALA A 74 -10.31 8.30 18.59
N LEU A 75 -9.11 7.73 18.61
CA LEU A 75 -8.10 8.08 19.64
C LEU A 75 -7.58 9.52 19.53
N ILE A 76 -7.40 10.00 18.30
CA ILE A 76 -6.95 11.39 18.06
C ILE A 76 -8.11 12.36 18.27
N ALA A 77 -9.27 11.99 17.74
CA ALA A 77 -10.43 12.87 17.76
C ALA A 77 -10.82 13.30 19.16
N ARG A 78 -10.48 12.48 20.16
CA ARG A 78 -10.88 12.77 21.53
C ARG A 78 -9.82 13.53 22.34
N MET A 79 -8.76 13.96 21.69
CA MET A 79 -7.70 14.70 22.40
C MET A 79 -8.13 16.17 22.62
N ASP A 80 -7.54 16.81 23.62
CA ASP A 80 -7.72 18.24 23.86
C ASP A 80 -7.13 19.03 22.70
N GLU A 81 -7.53 20.30 22.55
CA GLU A 81 -7.14 21.08 21.38
C GLU A 81 -5.63 21.31 21.25
N GLU A 82 -4.92 21.44 22.36
CA GLU A 82 -3.46 21.67 22.29
C GLU A 82 -2.75 20.48 21.62
N ARG A 83 -3.11 19.28 22.01
CA ARG A 83 -2.52 18.08 21.43
C ARG A 83 -2.95 17.87 19.98
N LYS A 84 -4.22 18.15 19.66
CA LYS A 84 -4.69 18.14 18.27
C LYS A 84 -3.87 19.07 17.36
N LYS A 85 -3.57 20.28 17.84
CA LYS A 85 -2.80 21.26 17.10
C LYS A 85 -1.39 20.75 16.77
N TYR A 86 -0.79 20.09 17.76
CA TYR A 86 0.52 19.51 17.61
C TYR A 86 0.46 18.34 16.60
N VAL A 87 -0.55 17.48 16.72
CA VAL A 87 -0.69 16.40 15.73
C VAL A 87 -0.91 16.93 14.32
N ALA A 88 -1.78 17.95 14.17
CA ALA A 88 -1.96 18.60 12.85
C ALA A 88 -0.65 19.23 12.32
N SER A 89 0.14 19.80 13.21
CA SER A 89 1.37 20.48 12.78
C SER A 89 2.32 19.45 12.22
N TYR A 90 2.40 18.33 12.92
CA TYR A 90 3.22 17.18 12.56
C TYR A 90 2.83 16.62 11.19
N LEU A 91 1.52 16.44 10.97
CA LEU A 91 1.08 15.90 9.72
C LEU A 91 1.40 16.87 8.59
N GLY A 92 1.34 18.17 8.89
CA GLY A 92 1.57 19.20 7.93
C GLY A 92 3.00 19.36 7.48
N VAL A 93 3.94 19.11 8.39
CA VAL A 93 5.34 19.21 8.03
C VAL A 93 5.88 17.98 7.31
N ILE A 94 5.23 16.81 7.46
CA ILE A 94 5.69 15.58 6.78
C ILE A 94 5.79 15.75 5.25
N MET A 95 4.76 16.33 4.65
CA MET A 95 4.76 16.45 3.20
C MET A 95 5.34 17.78 2.69
N ALA A 96 5.68 18.70 3.59
CA ALA A 96 6.28 19.96 3.16
C ALA A 96 7.71 19.72 2.70
N SER A 97 8.13 20.46 1.68
CA SER A 97 9.49 20.41 1.17
C SER A 97 9.95 21.84 0.93
N ASP A 98 10.94 22.27 1.72
CA ASP A 98 11.43 23.66 1.73
C ASP A 98 10.33 24.67 2.16
N GLY A 99 9.47 24.23 3.10
CA GLY A 99 8.43 25.08 3.68
C GLY A 99 7.24 25.34 2.78
N ASP A 100 7.18 24.57 1.70
CA ASP A 100 6.06 24.62 0.76
C ASP A 100 5.35 23.27 0.63
N ILE A 101 4.04 23.33 0.43
CA ILE A 101 3.27 22.15 0.21
C ILE A 101 2.44 22.34 -1.07
N ASP A 102 2.40 21.35 -1.95
CA ASP A 102 1.58 21.49 -3.14
C ASP A 102 0.12 21.23 -2.81
N ASP A 103 -0.78 21.54 -3.76
CA ASP A 103 -2.22 21.57 -3.55
C ASP A 103 -2.83 20.19 -3.23
N ASN A 104 -2.22 19.14 -3.79
CA ASN A 104 -2.70 17.78 -3.61
C ASN A 104 -2.38 17.29 -2.21
N GLU A 105 -1.15 17.55 -1.78
CA GLU A 105 -0.68 17.33 -0.42
C GLU A 105 -1.46 18.13 0.61
N LEU A 106 -1.74 19.39 0.31
CA LEU A 106 -2.54 20.23 1.14
C LEU A 106 -3.94 19.63 1.29
N ALA A 107 -4.50 19.13 0.19
CA ALA A 107 -5.81 18.49 0.25
C ALA A 107 -5.81 17.24 1.13
N LEU A 108 -4.74 16.45 1.07
CA LEU A 108 -4.66 15.23 1.86
C LEU A 108 -4.55 15.52 3.35
N TRP A 109 -3.74 16.52 3.66
CA TRP A 109 -3.58 17.03 5.00
C TRP A 109 -4.90 17.65 5.47
N THR A 110 -5.62 18.37 4.60
CA THR A 110 -6.90 18.94 5.02
C THR A 110 -7.89 17.83 5.32
N LEU A 111 -7.96 16.82 4.43
CA LEU A 111 -8.95 15.74 4.65
C LEU A 111 -8.73 14.98 5.94
N ILE A 112 -7.48 14.57 6.23
CA ILE A 112 -7.18 13.83 7.48
C ILE A 112 -7.45 14.67 8.71
N SER A 113 -7.07 15.94 8.65
CA SER A 113 -7.38 16.89 9.71
C SER A 113 -8.90 16.97 9.96
N THR A 114 -9.69 17.08 8.88
CA THR A 114 -11.15 17.13 9.01
C THR A 114 -11.65 15.87 9.77
N LEU A 115 -11.19 14.69 9.35
CA LEU A 115 -11.69 13.44 9.88
C LEU A 115 -11.33 13.25 11.35
N CYS A 116 -10.15 13.75 11.74
CA CYS A 116 -9.64 13.57 13.10
C CYS A 116 -10.02 14.75 14.00
N GLY A 117 -10.70 15.76 13.44
CA GLY A 117 -11.05 16.98 14.18
C GLY A 117 -9.91 17.90 14.61
N LEU A 118 -8.86 17.98 13.76
CA LEU A 118 -7.68 18.83 13.99
C LEU A 118 -7.98 20.24 13.46
N PRO A 119 -7.32 21.27 14.02
CA PRO A 119 -7.53 22.64 13.54
C PRO A 119 -6.84 22.87 12.20
N THR A 120 -7.42 23.74 11.37
CA THR A 120 -6.80 24.11 10.11
C THR A 120 -5.70 25.13 10.41
N MET A 121 -4.60 25.02 9.68
CA MET A 121 -3.48 25.95 9.79
C MET A 121 -2.76 25.98 8.43
N THR A 122 -1.98 27.03 8.21
CA THR A 122 -1.07 27.06 7.05
C THR A 122 0.15 26.21 7.36
N VAL A 123 0.91 25.89 6.31
CA VAL A 123 2.06 25.03 6.41
C VAL A 123 3.17 25.77 7.21
N MET A 124 3.20 27.11 7.08
CA MET A 124 4.07 27.97 7.87
C MET A 124 3.81 27.80 9.36
N GLU A 125 2.55 27.93 9.78
CA GLU A 125 2.12 27.73 11.18
C GLU A 125 2.40 26.30 11.67
N ALA A 126 2.21 25.32 10.79
CA ALA A 126 2.63 23.94 11.06
C ALA A 126 4.12 23.82 11.38
N ILE A 127 4.96 24.39 10.51
CA ILE A 127 6.42 24.29 10.61
C ILE A 127 6.96 24.98 11.88
N ASN A 128 6.28 26.02 12.32
CA ASN A 128 6.70 26.77 13.50
C ASN A 128 6.30 26.09 14.77
N ASN A 129 5.10 25.56 14.81
CA ASN A 129 4.68 24.85 15.99
C ASN A 129 5.59 23.72 16.31
N MET A 130 6.05 23.01 15.30
CA MET A 130 6.94 21.88 15.49
C MET A 130 8.35 22.27 15.92
N LYS A 131 8.80 23.44 15.51
CA LYS A 131 10.10 23.91 15.93
C LYS A 131 10.18 24.39 17.36
N ASN A 132 9.10 24.34 18.10
CA ASN A 132 8.82 25.36 19.08
C ASN A 132 8.06 26.55 18.52
N ILE B 10 -32.28 -0.06 -3.31
CA ILE B 10 -31.80 0.75 -2.14
C ILE B 10 -31.05 -0.20 -1.22
N MET B 11 -29.86 0.19 -0.75
CA MET B 11 -29.17 -0.46 0.35
C MET B 11 -29.73 0.29 1.56
N THR B 12 -30.19 -0.43 2.57
CA THR B 12 -30.84 0.27 3.70
C THR B 12 -29.85 0.75 4.76
N PHE B 13 -29.94 2.04 5.08
CA PHE B 13 -29.23 2.69 6.16
C PHE B 13 -30.22 3.35 7.10
N SER B 14 -29.85 3.46 8.36
CA SER B 14 -30.56 4.28 9.34
C SER B 14 -30.34 5.81 9.10
N GLY B 15 -31.17 6.64 9.73
CA GLY B 15 -31.05 8.09 9.65
C GLY B 15 -29.67 8.54 10.13
N GLN B 16 -29.19 8.00 11.24
CA GLN B 16 -27.86 8.42 11.72
C GLN B 16 -26.74 7.95 10.80
N GLU B 17 -26.88 6.80 10.16
CA GLU B 17 -25.95 6.37 9.11
C GLU B 17 -25.93 7.24 7.86
N LEU B 18 -27.10 7.62 7.34
CA LEU B 18 -27.18 8.52 6.20
C LEU B 18 -26.46 9.84 6.49
N THR B 19 -26.60 10.31 7.74
CA THR B 19 -25.95 11.50 8.25
C THR B 19 -24.42 11.36 8.19
N ALA B 20 -23.90 10.24 8.70
CA ALA B 20 -22.47 9.91 8.57
C ALA B 20 -21.99 9.85 7.09
N ILE B 21 -22.80 9.24 6.22
CA ILE B 21 -22.38 9.10 4.84
C ILE B 21 -22.21 10.47 4.14
N ILE B 22 -23.19 11.35 4.31
N ILE B 22 -23.18 11.36 4.33
CA ILE B 22 -23.13 12.68 3.69
CA ILE B 22 -23.11 12.66 3.68
C ILE B 22 -21.99 13.50 4.28
C ILE B 22 -22.01 13.52 4.28
N LYS B 23 -21.80 13.37 5.59
CA LYS B 23 -20.66 13.99 6.29
C LYS B 23 -19.30 13.59 5.63
N MET B 24 -19.18 12.32 5.25
CA MET B 24 -17.94 11.83 4.57
C MET B 24 -17.85 12.37 3.14
N ALA B 25 -18.98 12.37 2.41
CA ALA B 25 -18.99 12.95 1.05
C ALA B 25 -18.62 14.43 1.10
N LYS B 26 -19.24 15.17 2.02
CA LYS B 26 -18.86 16.57 2.36
C LYS B 26 -17.35 16.78 2.63
N SER B 27 -16.82 16.00 3.56
CA SER B 27 -15.40 16.10 3.91
C SER B 27 -14.45 15.92 2.71
N MET B 28 -14.73 14.89 1.94
CA MET B 28 -14.00 14.55 0.75
C MET B 28 -14.01 15.68 -0.29
N VAL B 29 -15.17 16.22 -0.64
CA VAL B 29 -15.26 17.22 -1.70
C VAL B 29 -14.70 18.58 -1.25
N MET B 30 -14.69 18.81 0.05
CA MET B 30 -14.13 20.03 0.60
C MET B 30 -12.62 20.02 0.74
N ALA B 31 -12.00 18.85 0.63
CA ALA B 31 -10.56 18.71 0.92
C ALA B 31 -9.68 19.68 0.11
N ASP B 32 -9.96 19.82 -1.20
CA ASP B 32 -9.16 20.68 -2.07
C ASP B 32 -9.64 22.12 -2.12
N GLY B 33 -10.67 22.45 -1.33
CA GLY B 33 -11.19 23.82 -1.32
C GLY B 33 -12.10 24.17 -2.47
N LYS B 34 -12.32 23.22 -3.40
CA LYS B 34 -13.18 23.51 -4.54
C LYS B 34 -14.46 22.67 -4.48
N ILE B 35 -15.60 23.35 -4.55
CA ILE B 35 -16.92 22.71 -4.51
C ILE B 35 -17.54 22.76 -5.90
N LYS B 36 -17.31 21.70 -6.67
CA LYS B 36 -17.71 21.63 -8.09
C LYS B 36 -19.16 21.21 -8.27
N PRO B 37 -19.99 22.06 -8.90
CA PRO B 37 -21.39 21.69 -9.14
C PRO B 37 -21.58 20.25 -9.68
N ALA B 38 -20.77 19.81 -10.66
CA ALA B 38 -20.86 18.43 -11.19
C ALA B 38 -20.72 17.31 -10.12
N GLU B 39 -19.83 17.53 -9.18
CA GLU B 39 -19.64 16.58 -8.10
C GLU B 39 -20.80 16.59 -7.11
N ILE B 40 -21.34 17.78 -6.87
CA ILE B 40 -22.43 17.92 -5.94
C ILE B 40 -23.65 17.23 -6.55
N ALA B 41 -23.80 17.33 -7.88
CA ALA B 41 -24.89 16.67 -8.60
C ALA B 41 -24.85 15.13 -8.42
N VAL B 42 -23.67 14.52 -8.58
CA VAL B 42 -23.49 13.09 -8.33
C VAL B 42 -23.79 12.77 -6.85
N MET B 43 -23.18 13.55 -5.96
CA MET B 43 -23.39 13.42 -4.51
C MET B 43 -24.91 13.40 -4.24
N THR B 44 -25.65 14.28 -4.91
CA THR B 44 -27.10 14.39 -4.72
C THR B 44 -27.84 13.18 -5.34
N ARG B 45 -27.56 12.90 -6.62
N ARG B 45 -27.56 12.88 -6.61
CA ARG B 45 -28.32 11.90 -7.40
CA ARG B 45 -28.37 11.89 -7.36
C ARG B 45 -28.16 10.49 -6.85
C ARG B 45 -28.18 10.48 -6.83
N GLU B 46 -26.95 10.16 -6.42
CA GLU B 46 -26.60 8.85 -5.92
C GLU B 46 -27.09 8.61 -4.49
N PHE B 47 -27.09 9.65 -3.67
CA PHE B 47 -27.56 9.55 -2.28
C PHE B 47 -29.04 9.24 -2.29
N MET B 48 -29.75 9.73 -3.32
CA MET B 48 -31.15 9.34 -3.55
C MET B 48 -31.38 7.81 -3.62
N ARG B 49 -30.38 7.08 -4.09
CA ARG B 49 -30.48 5.63 -4.11
C ARG B 49 -30.35 4.95 -2.72
N PHE B 50 -30.15 5.73 -1.66
CA PHE B 50 -30.26 5.21 -0.31
C PHE B 50 -31.60 5.58 0.35
N GLY B 51 -32.57 6.00 -0.47
CA GLY B 51 -33.95 6.16 -0.03
C GLY B 51 -34.21 7.56 0.45
N ILE B 52 -33.52 8.53 -0.14
CA ILE B 52 -33.60 9.95 0.22
C ILE B 52 -34.08 10.67 -1.04
N LEU B 53 -35.14 11.46 -0.93
CA LEU B 53 -35.64 12.28 -2.05
C LEU B 53 -34.66 13.44 -2.33
N GLN B 54 -34.61 13.94 -3.57
CA GLN B 54 -33.69 15.04 -3.92
C GLN B 54 -33.75 16.21 -2.96
N ASP B 55 -34.96 16.73 -2.69
CA ASP B 55 -35.13 17.88 -1.78
C ASP B 55 -34.53 17.61 -0.41
N GLN B 56 -34.40 16.33 -0.08
CA GLN B 56 -34.01 15.93 1.26
C GLN B 56 -32.52 15.86 1.50
N VAL B 57 -31.74 15.87 0.41
CA VAL B 57 -30.29 15.85 0.52
C VAL B 57 -29.80 17.08 1.30
N ASP B 58 -30.38 18.29 1.04
CA ASP B 58 -29.97 19.47 1.82
C ASP B 58 -30.31 19.31 3.26
N LEU B 59 -31.45 18.66 3.56
CA LEU B 59 -31.84 18.42 4.95
C LEU B 59 -30.82 17.50 5.67
N LEU B 60 -30.41 16.42 5.01
CA LEU B 60 -29.44 15.48 5.60
C LEU B 60 -28.08 16.14 5.75
N LEU B 61 -27.73 16.94 4.77
CA LEU B 61 -26.47 17.67 4.81
C LEU B 61 -26.46 18.59 6.05
N LYS B 62 -27.55 19.34 6.22
CA LYS B 62 -27.73 20.17 7.40
C LYS B 62 -27.77 19.37 8.74
N ALA B 63 -28.50 18.26 8.74
CA ALA B 63 -28.46 17.33 9.87
C ALA B 63 -27.03 16.91 10.20
N SER B 64 -26.16 16.79 9.20
CA SER B 64 -24.76 16.41 9.45
C SER B 64 -23.94 17.44 10.23
N ASP B 65 -24.39 18.70 10.25
CA ASP B 65 -23.72 19.74 11.04
C ASP B 65 -23.73 19.38 12.53
N SER B 66 -24.75 18.61 12.96
CA SER B 66 -24.91 18.16 14.36
C SER B 66 -23.96 17.07 14.83
N ILE B 67 -23.23 16.46 13.91
CA ILE B 67 -22.23 15.47 14.28
C ILE B 67 -20.86 15.94 13.79
N GLU B 68 -19.82 15.54 14.52
CA GLU B 68 -18.42 15.74 14.09
C GLU B 68 -18.04 14.72 13.04
N ALA B 69 -17.04 15.03 12.22
CA ALA B 69 -16.53 14.10 11.20
C ALA B 69 -16.00 12.77 11.80
N SER B 70 -15.34 12.86 12.95
CA SER B 70 -14.88 11.66 13.64
C SER B 70 -16.06 10.74 14.08
N GLN B 71 -17.18 11.31 14.49
N GLN B 71 -17.16 11.36 14.49
CA GLN B 71 -18.32 10.44 14.80
CA GLN B 71 -18.38 10.60 14.79
C GLN B 71 -18.89 9.77 13.53
C GLN B 71 -18.87 9.82 13.55
N ALA B 72 -18.93 10.48 12.39
CA ALA B 72 -19.30 9.83 11.11
C ALA B 72 -18.37 8.67 10.80
N VAL B 73 -17.05 8.91 10.94
CA VAL B 73 -16.04 7.85 10.77
C VAL B 73 -16.39 6.59 11.60
N ALA B 74 -16.65 6.79 12.88
CA ALA B 74 -17.00 5.65 13.73
C ALA B 74 -18.30 4.91 13.30
N LEU B 75 -19.31 5.63 12.79
CA LEU B 75 -20.58 5.03 12.38
C LEU B 75 -20.36 4.19 11.14
N ILE B 76 -19.51 4.68 10.25
CA ILE B 76 -19.11 3.90 9.07
C ILE B 76 -18.18 2.72 9.39
N ALA B 77 -17.20 2.94 10.26
CA ALA B 77 -16.21 1.88 10.52
C ALA B 77 -16.83 0.62 11.11
N ARG B 78 -17.92 0.76 11.86
CA ARG B 78 -18.57 -0.36 12.54
C ARG B 78 -19.55 -1.15 11.62
N MET B 79 -19.82 -0.66 10.39
CA MET B 79 -20.84 -1.29 9.53
C MET B 79 -20.34 -2.63 8.98
N ASP B 80 -21.27 -3.49 8.61
CA ASP B 80 -20.99 -4.81 8.02
C ASP B 80 -20.40 -4.61 6.62
N GLU B 81 -19.76 -5.64 6.05
CA GLU B 81 -18.99 -5.46 4.83
C GLU B 81 -19.87 -5.11 3.63
N GLU B 82 -21.14 -5.49 3.66
CA GLU B 82 -22.04 -5.16 2.57
C GLU B 82 -22.39 -3.68 2.55
N ARG B 83 -22.80 -3.12 3.69
CA ARG B 83 -22.96 -1.67 3.85
C ARG B 83 -21.67 -0.89 3.50
N LYS B 84 -20.53 -1.34 3.99
CA LYS B 84 -19.26 -0.70 3.62
C LYS B 84 -19.00 -0.59 2.11
N LYS B 85 -19.30 -1.66 1.40
CA LYS B 85 -19.13 -1.70 -0.05
C LYS B 85 -19.89 -0.58 -0.74
N TYR B 86 -21.13 -0.36 -0.31
CA TYR B 86 -21.98 0.66 -0.90
C TYR B 86 -21.51 2.07 -0.50
N VAL B 87 -20.97 2.20 0.70
CA VAL B 87 -20.41 3.50 1.11
C VAL B 87 -19.16 3.88 0.27
N ALA B 88 -18.23 2.94 0.16
CA ALA B 88 -17.04 3.13 -0.67
C ALA B 88 -17.40 3.40 -2.13
N SER B 89 -18.40 2.69 -2.66
CA SER B 89 -18.80 2.80 -4.07
C SER B 89 -19.41 4.20 -4.28
N TYR B 90 -20.22 4.65 -3.33
CA TYR B 90 -20.86 5.98 -3.37
C TYR B 90 -19.84 7.11 -3.36
N LEU B 91 -18.86 7.01 -2.46
CA LEU B 91 -17.76 7.97 -2.39
C LEU B 91 -16.87 7.92 -3.64
N GLY B 92 -16.75 6.74 -4.21
CA GLY B 92 -15.94 6.60 -5.42
C GLY B 92 -16.49 7.22 -6.66
N VAL B 93 -17.82 7.26 -6.78
CA VAL B 93 -18.44 7.78 -8.01
C VAL B 93 -18.56 9.31 -8.04
N ILE B 94 -18.53 9.94 -6.85
CA ILE B 94 -18.73 11.39 -6.72
C ILE B 94 -17.75 12.19 -7.55
N MET B 95 -16.47 11.83 -7.51
CA MET B 95 -15.45 12.60 -8.24
C MET B 95 -15.06 11.98 -9.61
N ALA B 96 -15.70 10.88 -9.97
CA ALA B 96 -15.47 10.24 -11.25
C ALA B 96 -16.13 10.98 -12.42
N SER B 97 -15.45 10.92 -13.56
CA SER B 97 -15.93 11.53 -14.77
C SER B 97 -15.79 10.55 -15.92
N ASP B 98 -16.89 10.28 -16.60
CA ASP B 98 -16.91 9.36 -17.73
C ASP B 98 -16.12 8.11 -17.36
N GLY B 99 -16.42 7.57 -16.19
CA GLY B 99 -15.83 6.29 -15.77
C GLY B 99 -14.39 6.33 -15.30
N ASP B 100 -13.81 7.53 -15.26
CA ASP B 100 -12.41 7.72 -14.90
C ASP B 100 -12.30 8.58 -13.65
N ILE B 101 -11.20 8.39 -12.93
CA ILE B 101 -10.86 9.29 -11.84
C ILE B 101 -9.35 9.67 -11.94
N ASP B 102 -9.06 10.98 -11.81
N ASP B 102 -9.05 10.97 -11.79
CA ASP B 102 -7.67 11.47 -11.83
CA ASP B 102 -7.67 11.44 -11.87
C ASP B 102 -6.89 10.95 -10.61
C ASP B 102 -6.90 11.08 -10.59
N ASP B 103 -5.57 11.10 -10.65
CA ASP B 103 -4.72 10.60 -9.54
C ASP B 103 -4.94 11.26 -8.18
N ASN B 104 -5.23 12.56 -8.20
CA ASN B 104 -5.45 13.32 -6.98
C ASN B 104 -6.78 12.90 -6.34
N GLU B 105 -7.84 12.87 -7.14
CA GLU B 105 -9.15 12.40 -6.68
C GLU B 105 -9.08 10.98 -6.10
N LEU B 106 -8.41 10.09 -6.80
CA LEU B 106 -8.13 8.74 -6.32
C LEU B 106 -7.41 8.71 -4.98
N ALA B 107 -6.39 9.57 -4.79
CA ALA B 107 -5.70 9.64 -3.49
C ALA B 107 -6.64 10.05 -2.34
N LEU B 108 -7.59 10.98 -2.62
CA LEU B 108 -8.56 11.44 -1.62
C LEU B 108 -9.56 10.33 -1.26
N TRP B 109 -10.13 9.70 -2.30
CA TRP B 109 -11.02 8.52 -2.12
C TRP B 109 -10.29 7.43 -1.31
N THR B 110 -9.06 7.14 -1.67
CA THR B 110 -8.36 6.10 -0.89
C THR B 110 -8.06 6.44 0.59
N LEU B 111 -7.70 7.69 0.85
CA LEU B 111 -7.47 8.09 2.25
C LEU B 111 -8.73 7.99 3.07
N ILE B 112 -9.86 8.50 2.56
CA ILE B 112 -11.08 8.46 3.33
C ILE B 112 -11.52 7.00 3.53
N SER B 113 -11.38 6.17 2.48
CA SER B 113 -11.69 4.73 2.53
C SER B 113 -10.81 4.03 3.60
N THR B 114 -9.51 4.34 3.63
CA THR B 114 -8.62 3.78 4.66
C THR B 114 -9.09 4.18 6.09
N LEU B 115 -9.40 5.46 6.28
CA LEU B 115 -9.78 5.94 7.61
C LEU B 115 -11.12 5.40 8.12
N CYS B 116 -12.03 5.13 7.19
CA CYS B 116 -13.35 4.61 7.49
C CYS B 116 -13.35 3.06 7.52
N GLY B 117 -12.20 2.44 7.27
CA GLY B 117 -12.11 0.98 7.17
C GLY B 117 -12.90 0.40 6.01
N LEU B 118 -12.99 1.13 4.90
CA LEU B 118 -13.77 0.71 3.73
C LEU B 118 -12.92 -0.15 2.79
N PRO B 119 -13.56 -1.01 1.95
CA PRO B 119 -12.73 -1.84 1.08
C PRO B 119 -12.15 -1.03 -0.10
N THR B 120 -10.99 -1.47 -0.56
CA THR B 120 -10.37 -1.04 -1.80
C THR B 120 -11.12 -1.58 -3.01
N MET B 121 -11.38 -0.71 -3.97
CA MET B 121 -11.99 -1.11 -5.21
C MET B 121 -11.48 -0.18 -6.30
N THR B 122 -11.64 -0.57 -7.56
CA THR B 122 -11.42 0.33 -8.68
C THR B 122 -12.64 1.23 -8.87
N VAL B 123 -12.41 2.36 -9.53
CA VAL B 123 -13.52 3.24 -9.94
C VAL B 123 -14.60 2.51 -10.78
N MET B 124 -14.17 1.58 -11.65
CA MET B 124 -15.09 0.76 -12.43
C MET B 124 -16.02 -0.08 -11.55
N GLU B 125 -15.49 -0.68 -10.49
CA GLU B 125 -16.29 -1.46 -9.53
C GLU B 125 -17.35 -0.61 -8.84
N ALA B 126 -16.93 0.58 -8.39
CA ALA B 126 -17.79 1.53 -7.68
C ALA B 126 -18.95 1.94 -8.55
N ILE B 127 -18.64 2.25 -9.81
CA ILE B 127 -19.64 2.64 -10.81
C ILE B 127 -20.69 1.53 -11.01
N ASN B 128 -20.21 0.29 -11.11
CA ASN B 128 -21.08 -0.87 -11.38
C ASN B 128 -21.84 -1.31 -10.14
N ASN B 129 -21.21 -1.16 -8.98
CA ASN B 129 -21.90 -1.36 -7.72
C ASN B 129 -23.12 -0.44 -7.59
N MET B 130 -22.95 0.84 -7.94
CA MET B 130 -24.02 1.80 -7.83
C MET B 130 -25.10 1.57 -8.90
N LYS B 131 -24.65 1.28 -10.13
CA LYS B 131 -25.51 0.96 -11.28
C LYS B 131 -26.24 -0.40 -11.22
N ILE C 10 37.28 -2.25 -9.08
CA ILE C 10 36.07 -1.51 -8.60
C ILE C 10 34.81 -1.96 -9.32
N MET C 11 33.76 -2.30 -8.57
CA MET C 11 32.46 -2.66 -9.19
C MET C 11 31.66 -1.46 -9.67
N THR C 12 31.23 -1.52 -10.93
CA THR C 12 30.47 -0.42 -11.55
C THR C 12 29.08 -0.91 -12.04
N PHE C 13 28.12 0.00 -12.15
CA PHE C 13 26.79 -0.37 -12.62
C PHE C 13 26.26 0.74 -13.46
N SER C 14 25.70 0.41 -14.63
CA SER C 14 25.15 1.45 -15.53
C SER C 14 23.91 2.07 -14.88
N GLY C 15 23.41 3.14 -15.51
CA GLY C 15 22.29 3.87 -14.95
C GLY C 15 21.04 3.04 -15.08
N GLN C 16 20.94 2.28 -16.17
CA GLN C 16 19.75 1.46 -16.34
C GLN C 16 19.75 0.27 -15.40
N GLU C 17 20.95 -0.25 -15.06
CA GLU C 17 21.10 -1.30 -14.07
C GLU C 17 20.75 -0.82 -12.67
N LEU C 18 21.23 0.36 -12.28
CA LEU C 18 20.90 0.91 -10.97
C LEU C 18 19.40 1.28 -10.86
N THR C 19 18.79 1.69 -11.96
CA THR C 19 17.35 1.91 -12.01
C THR C 19 16.60 0.59 -11.76
N ALA C 20 17.09 -0.48 -12.38
CA ALA C 20 16.47 -1.77 -12.26
C ALA C 20 16.60 -2.24 -10.83
N ILE C 21 17.76 -2.02 -10.23
CA ILE C 21 18.02 -2.44 -8.84
C ILE C 21 17.04 -1.84 -7.83
N ILE C 22 16.83 -0.52 -7.93
CA ILE C 22 15.94 0.23 -7.04
C ILE C 22 14.47 -0.07 -7.37
N LYS C 23 14.18 -0.36 -8.64
CA LYS C 23 12.84 -0.87 -8.99
C LYS C 23 12.55 -2.18 -8.23
N MET C 24 13.54 -3.06 -8.19
CA MET C 24 13.38 -4.31 -7.48
C MET C 24 13.21 -4.05 -5.99
N ALA C 25 14.07 -3.21 -5.43
CA ALA C 25 13.94 -2.83 -4.01
C ALA C 25 12.57 -2.21 -3.70
N LYS C 26 12.13 -1.21 -4.48
CA LYS C 26 10.77 -0.68 -4.29
C LYS C 26 9.71 -1.79 -4.37
N SER C 27 9.77 -2.62 -5.41
CA SER C 27 8.73 -3.66 -5.60
C SER C 27 8.67 -4.58 -4.36
N MET C 28 9.85 -4.91 -3.85
CA MET C 28 9.95 -5.80 -2.72
C MET C 28 9.31 -5.17 -1.49
N VAL C 29 9.74 -3.95 -1.14
CA VAL C 29 9.30 -3.34 0.15
C VAL C 29 7.85 -2.87 0.13
N MET C 30 7.31 -2.70 -1.08
N MET C 30 7.28 -2.71 -1.05
CA MET C 30 5.91 -2.29 -1.27
CA MET C 30 5.88 -2.31 -1.13
C MET C 30 4.95 -3.49 -1.34
C MET C 30 4.94 -3.49 -1.44
N ALA C 31 5.51 -4.70 -1.55
CA ALA C 31 4.74 -5.94 -1.84
C ALA C 31 3.55 -6.22 -0.88
N ASP C 32 3.81 -5.98 0.41
CA ASP C 32 2.83 -6.18 1.46
C ASP C 32 1.90 -4.99 1.72
N GLY C 33 2.03 -3.95 0.93
CA GLY C 33 1.13 -2.80 1.01
C GLY C 33 1.33 -1.91 2.24
N LYS C 34 2.37 -2.20 3.03
CA LYS C 34 2.69 -1.44 4.23
C LYS C 34 4.03 -0.75 4.04
N ILE C 35 4.19 0.40 4.69
CA ILE C 35 5.48 1.10 4.77
C ILE C 35 6.11 0.67 6.08
N LYS C 36 7.35 0.20 6.02
CA LYS C 36 8.18 -0.04 7.20
C LYS C 36 9.35 0.93 7.04
N PRO C 37 9.33 2.07 7.79
CA PRO C 37 10.37 3.07 7.56
C PRO C 37 11.78 2.54 7.72
N ALA C 38 12.02 1.62 8.65
CA ALA C 38 13.35 0.99 8.75
C ALA C 38 13.82 0.51 7.35
N GLU C 39 12.92 -0.11 6.58
CA GLU C 39 13.33 -0.73 5.32
C GLU C 39 13.62 0.32 4.26
N ILE C 40 12.83 1.40 4.25
CA ILE C 40 13.03 2.46 3.27
C ILE C 40 14.35 3.23 3.55
N ALA C 41 14.68 3.41 4.83
CA ALA C 41 15.97 4.02 5.22
C ALA C 41 17.19 3.18 4.76
N VAL C 42 17.13 1.86 4.94
CA VAL C 42 18.25 1.02 4.49
C VAL C 42 18.33 1.02 2.95
N MET C 43 17.16 0.91 2.32
CA MET C 43 17.03 0.96 0.85
C MET C 43 17.79 2.15 0.25
N THR C 44 17.54 3.37 0.76
CA THR C 44 18.18 4.58 0.25
C THR C 44 19.65 4.76 0.69
N ARG C 45 20.02 4.31 1.90
CA ARG C 45 21.38 4.53 2.41
C ARG C 45 22.37 3.59 1.74
N GLU C 46 22.07 2.29 1.80
CA GLU C 46 22.99 1.28 1.27
C GLU C 46 23.10 1.27 -0.26
N PHE C 47 22.13 1.89 -0.93
CA PHE C 47 22.16 2.03 -2.38
C PHE C 47 23.39 2.86 -2.79
N MET C 48 23.78 3.79 -1.91
CA MET C 48 25.00 4.59 -2.12
C MET C 48 26.26 3.76 -2.29
N ARG C 49 26.28 2.57 -1.70
CA ARG C 49 27.47 1.72 -1.74
C ARG C 49 27.74 1.15 -3.15
N PHE C 50 26.79 1.34 -4.07
CA PHE C 50 26.97 0.98 -5.48
C PHE C 50 27.73 2.07 -6.24
N GLY C 51 28.23 3.05 -5.48
CA GLY C 51 29.14 4.09 -5.96
C GLY C 51 28.48 5.38 -6.38
N ILE C 52 27.39 5.75 -5.71
CA ILE C 52 26.57 6.90 -6.12
C ILE C 52 26.33 7.85 -4.95
N LEU C 53 25.93 9.09 -5.23
CA LEU C 53 25.69 10.09 -4.18
C LEU C 53 24.19 10.13 -3.89
N GLN C 54 23.81 10.70 -2.75
CA GLN C 54 22.39 10.90 -2.41
C GLN C 54 21.58 11.49 -3.58
N ASP C 55 22.13 12.49 -4.27
CA ASP C 55 21.43 13.16 -5.39
C ASP C 55 21.11 12.18 -6.51
N GLN C 56 22.01 11.23 -6.73
CA GLN C 56 21.84 10.17 -7.75
C GLN C 56 20.79 9.14 -7.32
N VAL C 57 20.80 8.78 -6.04
CA VAL C 57 19.77 7.92 -5.47
C VAL C 57 18.36 8.47 -5.74
N ASP C 58 18.16 9.76 -5.48
CA ASP C 58 16.85 10.44 -5.66
C ASP C 58 16.43 10.46 -7.14
N LEU C 59 17.42 10.70 -8.02
CA LEU C 59 17.17 10.71 -9.44
C LEU C 59 16.64 9.35 -9.90
N LEU C 60 17.32 8.31 -9.43
CA LEU C 60 17.09 6.92 -9.84
C LEU C 60 15.77 6.37 -9.33
N LEU C 61 15.40 6.72 -8.09
CA LEU C 61 14.06 6.42 -7.57
C LEU C 61 12.99 6.98 -8.49
N LYS C 62 13.21 8.19 -9.01
CA LYS C 62 12.26 8.81 -9.93
C LYS C 62 12.29 8.10 -11.29
N ALA C 63 13.50 7.90 -11.81
CA ALA C 63 13.71 7.10 -13.02
C ALA C 63 12.95 5.76 -13.04
N SER C 64 12.94 5.05 -11.89
CA SER C 64 12.37 3.70 -11.83
C SER C 64 10.88 3.68 -12.07
N ASP C 65 10.19 4.74 -11.73
CA ASP C 65 8.77 4.85 -12.06
C ASP C 65 8.47 4.76 -13.57
N SER C 66 9.45 5.03 -14.42
CA SER C 66 9.19 5.03 -15.86
C SER C 66 9.48 3.71 -16.57
N ILE C 67 10.07 2.77 -15.83
CA ILE C 67 10.31 1.39 -16.32
C ILE C 67 9.34 0.38 -15.72
N GLU C 68 9.14 -0.71 -16.46
CA GLU C 68 8.29 -1.81 -16.04
C GLU C 68 9.12 -2.70 -15.16
N ALA C 69 8.52 -3.32 -14.17
CA ALA C 69 9.27 -4.22 -13.30
C ALA C 69 9.85 -5.43 -14.11
N SER C 70 9.13 -5.88 -15.13
CA SER C 70 9.64 -6.96 -16.04
C SER C 70 10.91 -6.55 -16.80
N GLN C 71 11.01 -5.26 -17.16
CA GLN C 71 12.22 -4.71 -17.78
C GLN C 71 13.38 -4.79 -16.75
N ALA C 72 13.11 -4.43 -15.50
CA ALA C 72 14.15 -4.51 -14.43
C ALA C 72 14.66 -5.92 -14.19
N VAL C 73 13.72 -6.88 -14.08
CA VAL C 73 14.08 -8.30 -13.99
C VAL C 73 15.09 -8.69 -15.09
N ALA C 74 14.74 -8.38 -16.33
CA ALA C 74 15.58 -8.72 -17.48
C ALA C 74 17.03 -8.16 -17.35
N LEU C 75 17.13 -6.89 -16.95
CA LEU C 75 18.41 -6.21 -16.79
C LEU C 75 19.26 -6.82 -15.69
N ILE C 76 18.61 -7.23 -14.59
CA ILE C 76 19.37 -7.89 -13.49
C ILE C 76 19.81 -9.32 -13.81
N ALA C 77 18.90 -10.06 -14.44
CA ALA C 77 19.09 -11.49 -14.68
C ALA C 77 20.26 -11.75 -15.63
N ARG C 78 20.55 -10.81 -16.52
CA ARG C 78 21.67 -10.94 -17.44
C ARG C 78 23.03 -10.56 -16.84
N MET C 79 23.06 -10.10 -15.58
CA MET C 79 24.29 -9.69 -14.91
C MET C 79 25.24 -10.84 -14.54
N ASP C 80 26.53 -10.53 -14.47
CA ASP C 80 27.56 -11.51 -14.04
C ASP C 80 27.34 -11.91 -12.60
N GLU C 81 27.86 -13.08 -12.23
CA GLU C 81 27.54 -13.68 -10.92
C GLU C 81 28.00 -12.83 -9.77
N GLU C 82 29.14 -12.17 -9.92
CA GLU C 82 29.66 -11.32 -8.84
C GLU C 82 28.73 -10.13 -8.59
N ARG C 83 28.29 -9.48 -9.65
CA ARG C 83 27.34 -8.39 -9.45
C ARG C 83 26.01 -8.83 -8.91
N LYS C 84 25.54 -10.01 -9.33
CA LYS C 84 24.24 -10.51 -8.84
C LYS C 84 24.36 -10.80 -7.35
N LYS C 85 25.55 -11.22 -6.95
CA LYS C 85 25.84 -11.47 -5.53
C LYS C 85 25.53 -10.23 -4.67
N TYR C 86 25.93 -9.06 -5.17
CA TYR C 86 25.78 -7.82 -4.39
C TYR C 86 24.39 -7.26 -4.47
N VAL C 87 23.71 -7.41 -5.61
CA VAL C 87 22.27 -7.12 -5.70
C VAL C 87 21.49 -7.97 -4.71
N ALA C 88 21.73 -9.28 -4.69
CA ALA C 88 21.06 -10.14 -3.72
C ALA C 88 21.29 -9.67 -2.28
N SER C 89 22.54 -9.35 -1.98
CA SER C 89 22.95 -8.85 -0.66
C SER C 89 22.25 -7.57 -0.27
N TYR C 90 22.19 -6.62 -1.21
CA TYR C 90 21.55 -5.34 -0.97
C TYR C 90 20.04 -5.52 -0.63
N LEU C 91 19.38 -6.36 -1.41
CA LEU C 91 17.97 -6.75 -1.17
C LEU C 91 17.84 -7.44 0.20
N GLY C 92 18.83 -8.23 0.57
CA GLY C 92 18.82 -8.89 1.87
C GLY C 92 18.92 -7.97 3.05
N VAL C 93 19.88 -7.03 3.02
CA VAL C 93 20.05 -6.09 4.16
C VAL C 93 18.87 -5.15 4.36
N ILE C 94 18.21 -4.75 3.27
CA ILE C 94 16.99 -3.94 3.35
C ILE C 94 15.95 -4.51 4.35
N MET C 95 15.71 -5.82 4.25
CA MET C 95 14.68 -6.54 4.99
C MET C 95 15.15 -7.00 6.36
N ALA C 96 16.46 -6.99 6.57
CA ALA C 96 17.06 -7.47 7.83
C ALA C 96 16.99 -6.41 8.92
N SER C 97 17.02 -6.89 10.17
CA SER C 97 17.12 -6.01 11.34
C SER C 97 17.94 -6.71 12.41
N ASP C 98 19.01 -6.05 12.86
CA ASP C 98 19.90 -6.55 13.89
C ASP C 98 20.50 -7.92 13.52
N GLY C 99 20.76 -8.11 12.22
CA GLY C 99 21.30 -9.38 11.70
C GLY C 99 20.30 -10.51 11.60
N ASP C 100 19.03 -10.20 11.73
CA ASP C 100 17.96 -11.17 11.75
C ASP C 100 16.93 -10.84 10.70
N ILE C 101 16.40 -11.88 10.05
CA ILE C 101 15.29 -11.67 9.13
C ILE C 101 14.09 -12.51 9.59
N ASP C 102 12.91 -11.89 9.65
CA ASP C 102 11.68 -12.60 9.96
C ASP C 102 11.17 -13.37 8.74
N ASP C 103 10.25 -14.30 8.98
CA ASP C 103 9.84 -15.30 7.99
C ASP C 103 9.21 -14.70 6.74
N ASN C 104 8.22 -13.84 6.97
CA ASN C 104 7.51 -13.17 5.88
C ASN C 104 8.54 -12.46 5.01
N GLU C 105 9.45 -11.74 5.65
CA GLU C 105 10.41 -10.91 4.92
C GLU C 105 11.41 -11.72 4.14
N LEU C 106 11.88 -12.81 4.73
CA LEU C 106 12.77 -13.78 4.07
C LEU C 106 12.07 -14.48 2.89
N ALA C 107 10.77 -14.75 3.00
CA ALA C 107 10.02 -15.32 1.88
C ALA C 107 10.06 -14.35 0.68
N LEU C 108 9.81 -13.07 0.95
CA LEU C 108 9.87 -12.05 -0.11
C LEU C 108 11.28 -11.91 -0.72
N TRP C 109 12.30 -11.87 0.12
CA TRP C 109 13.68 -11.82 -0.39
C TRP C 109 14.05 -13.04 -1.26
N THR C 110 13.63 -14.22 -0.81
CA THR C 110 13.84 -15.45 -1.59
C THR C 110 13.11 -15.38 -2.94
N LEU C 111 11.84 -14.99 -2.92
CA LEU C 111 11.08 -15.00 -4.18
C LEU C 111 11.73 -14.05 -5.19
N ILE C 112 12.04 -12.82 -4.78
CA ILE C 112 12.53 -11.83 -5.75
C ILE C 112 13.90 -12.27 -6.25
N SER C 113 14.71 -12.83 -5.36
CA SER C 113 15.99 -13.43 -5.75
C SER C 113 15.82 -14.53 -6.80
N THR C 114 14.84 -15.42 -6.61
CA THR C 114 14.52 -16.47 -7.56
C THR C 114 14.14 -15.89 -8.91
N LEU C 115 13.22 -14.93 -8.90
CA LEU C 115 12.73 -14.38 -10.15
C LEU C 115 13.84 -13.64 -10.93
N CYS C 116 14.74 -13.00 -10.20
CA CYS C 116 15.82 -12.21 -10.83
C CYS C 116 17.11 -12.99 -11.13
N GLY C 117 17.13 -14.29 -10.79
CA GLY C 117 18.27 -15.17 -11.07
C GLY C 117 19.45 -14.96 -10.12
N LEU C 118 19.15 -14.52 -8.92
CA LEU C 118 20.17 -14.21 -7.92
C LEU C 118 20.54 -15.44 -7.10
N PRO C 119 21.78 -15.49 -6.58
CA PRO C 119 22.22 -16.59 -5.70
C PRO C 119 21.52 -16.48 -4.36
N THR C 120 21.29 -17.63 -3.72
CA THR C 120 20.71 -17.66 -2.41
C THR C 120 21.85 -17.44 -1.44
N MET C 121 21.57 -16.81 -0.30
CA MET C 121 22.56 -16.68 0.74
C MET C 121 21.84 -16.52 2.06
N THR C 122 22.61 -16.63 3.15
CA THR C 122 22.13 -16.28 4.47
C THR C 122 22.14 -14.77 4.64
N VAL C 123 21.47 -14.31 5.69
CA VAL C 123 21.42 -12.89 6.00
C VAL C 123 22.78 -12.41 6.52
N MET C 124 23.47 -13.27 7.28
CA MET C 124 24.84 -13.08 7.73
C MET C 124 25.72 -12.76 6.52
N GLU C 125 25.64 -13.61 5.51
CA GLU C 125 26.35 -13.38 4.24
C GLU C 125 26.04 -12.04 3.56
N ALA C 126 24.76 -11.68 3.47
CA ALA C 126 24.35 -10.43 2.82
C ALA C 126 24.96 -9.22 3.52
N ILE C 127 24.85 -9.19 4.85
CA ILE C 127 25.41 -8.11 5.68
C ILE C 127 26.93 -7.97 5.42
N ASN C 128 27.61 -9.09 5.36
CA ASN C 128 29.06 -9.08 5.21
C ASN C 128 29.47 -8.71 3.80
N ASN C 129 28.64 -9.09 2.84
CA ASN C 129 28.94 -8.74 1.46
C ASN C 129 28.91 -7.23 1.31
N MET C 130 27.89 -6.60 1.88
CA MET C 130 27.68 -5.15 1.79
C MET C 130 28.75 -4.34 2.50
N LYS C 131 29.31 -4.86 3.58
CA LYS C 131 30.47 -4.27 4.24
C LYS C 131 31.72 -4.23 3.42
N ASN C 132 31.76 -5.04 2.38
CA ASN C 132 32.90 -5.14 1.48
C ASN C 132 32.84 -4.26 0.23
N LEU C 133 31.67 -3.70 -0.05
CA LEU C 133 31.52 -2.74 -1.14
C LEU C 133 31.95 -1.33 -0.73
N MET D 11 -8.21 -19.26 -25.38
CA MET D 11 -6.91 -19.16 -24.65
C MET D 11 -6.04 -20.39 -24.78
N THR D 12 -5.24 -20.41 -25.83
CA THR D 12 -4.22 -21.45 -26.04
C THR D 12 -2.88 -20.98 -25.45
N PHE D 13 -2.01 -21.93 -25.10
CA PHE D 13 -0.70 -21.66 -24.54
C PHE D 13 0.29 -22.68 -25.11
N SER D 14 1.49 -22.27 -25.48
CA SER D 14 2.51 -23.25 -25.91
C SER D 14 3.07 -24.05 -24.71
N GLY D 15 3.79 -25.14 -25.01
CA GLY D 15 4.46 -25.95 -23.99
C GLY D 15 5.40 -25.08 -23.19
N GLN D 16 6.14 -24.22 -23.91
CA GLN D 16 7.06 -23.26 -23.30
C GLN D 16 6.36 -22.30 -22.36
N GLU D 17 5.22 -21.75 -22.80
CA GLU D 17 4.45 -20.83 -21.97
C GLU D 17 3.88 -21.53 -20.74
N LEU D 18 3.37 -22.76 -20.87
CA LEU D 18 2.91 -23.54 -19.70
C LEU D 18 4.05 -23.88 -18.75
N THR D 19 5.24 -24.12 -19.29
CA THR D 19 6.39 -24.42 -18.44
C THR D 19 6.76 -23.14 -17.65
N ALA D 20 6.70 -21.99 -18.32
CA ALA D 20 6.87 -20.68 -17.64
C ALA D 20 5.86 -20.47 -16.51
N ILE D 21 4.56 -20.65 -16.81
CA ILE D 21 3.47 -20.45 -15.83
C ILE D 21 3.64 -21.33 -14.57
N ILE D 22 3.81 -22.63 -14.77
CA ILE D 22 4.13 -23.53 -13.64
C ILE D 22 5.46 -23.19 -12.90
N LYS D 23 6.43 -22.63 -13.63
CA LYS D 23 7.69 -22.16 -13.02
C LYS D 23 7.39 -21.06 -11.99
N MET D 24 6.46 -20.17 -12.38
CA MET D 24 6.03 -19.04 -11.54
C MET D 24 5.29 -19.54 -10.30
N ALA D 25 4.34 -20.45 -10.50
CA ALA D 25 3.66 -21.12 -9.36
C ALA D 25 4.66 -21.79 -8.44
N LYS D 26 5.56 -22.61 -9.00
CA LYS D 26 6.61 -23.27 -8.16
C LYS D 26 7.46 -22.28 -7.35
N SER D 27 7.89 -21.19 -8.01
CA SER D 27 8.77 -20.19 -7.39
C SER D 27 8.07 -19.56 -6.21
N MET D 28 6.79 -19.21 -6.43
CA MET D 28 5.90 -18.59 -5.45
C MET D 28 5.70 -19.53 -4.25
N VAL D 29 5.30 -20.77 -4.48
CA VAL D 29 5.03 -21.68 -3.35
C VAL D 29 6.31 -22.08 -2.58
N MET D 30 7.48 -22.10 -3.21
CA MET D 30 8.74 -22.47 -2.54
C MET D 30 9.33 -21.32 -1.69
N ALA D 31 8.83 -20.10 -1.89
CA ALA D 31 9.37 -18.90 -1.28
C ALA D 31 9.50 -19.01 0.22
N ASP D 32 8.49 -19.60 0.90
CA ASP D 32 8.45 -19.66 2.37
C ASP D 32 9.12 -20.89 2.98
N GLY D 33 9.56 -21.85 2.16
CA GLY D 33 10.36 -22.97 2.66
C GLY D 33 9.55 -24.02 3.45
N LYS D 34 8.22 -23.94 3.40
CA LYS D 34 7.40 -24.83 4.19
C LYS D 34 6.80 -25.94 3.34
N ILE D 35 6.48 -27.07 3.99
N ILE D 35 6.34 -27.02 3.98
CA ILE D 35 5.79 -28.19 3.39
CA ILE D 35 5.72 -28.17 3.32
C ILE D 35 4.32 -27.92 3.54
C ILE D 35 4.20 -28.01 3.36
N LYS D 36 3.60 -27.90 2.43
N LYS D 36 3.61 -27.81 2.19
CA LYS D 36 2.21 -27.48 2.45
CA LYS D 36 2.21 -27.39 2.11
C LYS D 36 1.44 -28.24 1.38
C LYS D 36 1.44 -28.31 1.18
N PRO D 37 1.03 -29.49 1.70
CA PRO D 37 0.38 -30.47 0.84
C PRO D 37 -0.84 -29.95 0.10
N ALA D 38 -1.73 -29.23 0.78
CA ALA D 38 -2.98 -28.77 0.17
C ALA D 38 -2.71 -27.68 -0.87
N GLU D 39 -1.78 -26.80 -0.56
CA GLU D 39 -1.37 -25.75 -1.51
C GLU D 39 -0.74 -26.29 -2.79
N ILE D 40 0.18 -27.25 -2.69
CA ILE D 40 0.71 -27.98 -3.89
C ILE D 40 -0.40 -28.65 -4.70
N ALA D 41 -1.38 -29.23 -4.01
CA ALA D 41 -2.50 -29.91 -4.67
C ALA D 41 -3.37 -28.92 -5.40
N VAL D 42 -3.53 -27.72 -4.86
CA VAL D 42 -4.24 -26.68 -5.62
C VAL D 42 -3.42 -26.31 -6.87
N MET D 43 -2.14 -26.02 -6.68
CA MET D 43 -1.27 -25.70 -7.80
C MET D 43 -1.41 -26.73 -8.97
N THR D 44 -1.35 -28.01 -8.64
CA THR D 44 -1.47 -29.08 -9.65
C THR D 44 -2.91 -29.20 -10.22
N ARG D 45 -3.94 -29.21 -9.37
CA ARG D 45 -5.33 -29.40 -9.86
C ARG D 45 -5.76 -28.24 -10.76
N GLU D 46 -5.53 -27.01 -10.30
CA GLU D 46 -6.00 -25.83 -11.02
C GLU D 46 -5.30 -25.64 -12.37
N PHE D 47 -4.05 -26.09 -12.44
CA PHE D 47 -3.28 -25.96 -13.68
C PHE D 47 -3.94 -26.76 -14.80
N MET D 48 -4.65 -27.83 -14.44
CA MET D 48 -5.35 -28.65 -15.41
C MET D 48 -6.49 -27.85 -16.07
N ARG D 49 -6.92 -26.76 -15.43
CA ARG D 49 -7.99 -25.90 -15.98
C ARG D 49 -7.50 -25.18 -17.24
N PHE D 50 -6.20 -25.12 -17.41
CA PHE D 50 -5.66 -24.69 -18.68
C PHE D 50 -5.89 -25.71 -19.77
N GLY D 51 -6.06 -26.95 -19.38
CA GLY D 51 -6.63 -27.94 -20.24
C GLY D 51 -5.52 -28.84 -20.68
N ILE D 52 -4.71 -29.27 -19.72
CA ILE D 52 -3.98 -30.54 -19.74
C ILE D 52 -4.40 -31.50 -18.66
N LEU D 53 -3.87 -32.70 -18.74
CA LEU D 53 -4.18 -33.77 -17.81
C LEU D 53 -3.21 -33.77 -16.68
N GLN D 54 -3.52 -34.51 -15.65
CA GLN D 54 -2.64 -34.55 -14.47
C GLN D 54 -1.21 -34.95 -14.78
N ASP D 55 -1.01 -35.97 -15.62
CA ASP D 55 0.31 -36.47 -15.89
C ASP D 55 1.11 -35.41 -16.65
N GLN D 56 0.41 -34.66 -17.50
CA GLN D 56 1.06 -33.58 -18.25
C GLN D 56 1.50 -32.43 -17.35
N VAL D 57 0.75 -32.21 -16.28
CA VAL D 57 1.10 -31.21 -15.28
C VAL D 57 2.40 -31.62 -14.59
N ASP D 58 2.49 -32.88 -14.17
CA ASP D 58 3.70 -33.43 -13.57
C ASP D 58 4.91 -33.35 -14.51
N LEU D 59 4.73 -33.71 -15.78
CA LEU D 59 5.78 -33.59 -16.76
C LEU D 59 6.25 -32.11 -16.82
N LEU D 60 5.28 -31.19 -17.00
CA LEU D 60 5.59 -29.77 -17.23
C LEU D 60 6.30 -29.15 -16.01
N LEU D 61 5.85 -29.54 -14.82
CA LEU D 61 6.48 -29.12 -13.57
C LEU D 61 7.94 -29.56 -13.48
N LYS D 62 8.20 -30.82 -13.84
CA LYS D 62 9.59 -31.31 -13.87
C LYS D 62 10.36 -30.62 -14.96
N ALA D 63 9.76 -30.39 -16.13
CA ALA D 63 10.46 -29.61 -17.17
C ALA D 63 10.91 -28.24 -16.63
N SER D 64 10.06 -27.58 -15.84
CA SER D 64 10.36 -26.23 -15.30
C SER D 64 11.69 -26.13 -14.53
N ASP D 65 12.15 -27.26 -13.93
CA ASP D 65 13.41 -27.33 -13.20
C ASP D 65 14.59 -26.98 -14.11
N SER D 66 14.37 -27.12 -15.41
CA SER D 66 15.44 -26.92 -16.38
C SER D 66 15.47 -25.53 -17.02
N ILE D 67 14.60 -24.62 -16.55
CA ILE D 67 14.55 -23.29 -17.10
C ILE D 67 14.80 -22.30 -15.99
N GLU D 68 15.29 -21.12 -16.35
CA GLU D 68 15.52 -20.05 -15.39
C GLU D 68 14.19 -19.38 -15.08
N ALA D 69 13.95 -19.08 -13.81
CA ALA D 69 12.77 -18.30 -13.43
C ALA D 69 12.74 -16.96 -14.16
N SER D 70 13.90 -16.33 -14.38
CA SER D 70 13.94 -15.07 -15.13
C SER D 70 13.47 -15.17 -16.59
N GLN D 71 13.73 -16.31 -17.24
CA GLN D 71 13.21 -16.62 -18.59
C GLN D 71 11.69 -16.75 -18.57
N ALA D 72 11.15 -17.42 -17.54
CA ALA D 72 9.70 -17.52 -17.31
C ALA D 72 9.04 -16.13 -17.17
N VAL D 73 9.68 -15.26 -16.40
CA VAL D 73 9.22 -13.88 -16.27
C VAL D 73 9.05 -13.19 -17.66
N ALA D 74 10.12 -13.29 -18.45
CA ALA D 74 10.16 -12.69 -19.78
C ALA D 74 9.03 -13.24 -20.66
N LEU D 75 8.83 -14.58 -20.64
CA LEU D 75 7.82 -15.25 -21.47
C LEU D 75 6.41 -14.83 -21.12
N ILE D 76 6.17 -14.68 -19.82
CA ILE D 76 4.89 -14.23 -19.30
C ILE D 76 4.62 -12.74 -19.58
N ALA D 77 5.63 -11.90 -19.37
CA ALA D 77 5.47 -10.45 -19.43
C ALA D 77 5.12 -9.95 -20.83
N ARG D 78 5.44 -10.75 -21.86
CA ARG D 78 5.11 -10.44 -23.25
C ARG D 78 3.71 -10.92 -23.71
N MET D 79 2.99 -11.61 -22.82
CA MET D 79 1.61 -12.04 -23.10
C MET D 79 0.64 -10.89 -23.28
N ASP D 80 -0.42 -11.14 -24.02
CA ASP D 80 -1.53 -10.20 -24.12
C ASP D 80 -2.24 -10.16 -22.77
N GLU D 81 -2.98 -9.10 -22.54
CA GLU D 81 -3.65 -8.86 -21.26
C GLU D 81 -4.64 -9.94 -20.81
N GLU D 82 -5.42 -10.53 -21.74
CA GLU D 82 -6.35 -11.63 -21.42
C GLU D 82 -5.62 -12.80 -20.84
N ARG D 83 -4.56 -13.25 -21.53
CA ARG D 83 -3.73 -14.37 -21.01
C ARG D 83 -3.10 -14.04 -19.69
N LYS D 84 -2.56 -12.83 -19.51
CA LYS D 84 -2.02 -12.41 -18.20
C LYS D 84 -3.06 -12.41 -17.09
N LYS D 85 -4.31 -12.01 -17.40
CA LYS D 85 -5.37 -11.98 -16.41
C LYS D 85 -5.59 -13.37 -15.78
N TYR D 86 -5.59 -14.41 -16.62
CA TYR D 86 -5.80 -15.77 -16.09
C TYR D 86 -4.57 -16.39 -15.43
N VAL D 87 -3.35 -15.97 -15.81
CA VAL D 87 -2.11 -16.41 -15.10
C VAL D 87 -2.16 -15.84 -13.68
N ALA D 88 -2.56 -14.56 -13.57
CA ALA D 88 -2.63 -13.90 -12.27
C ALA D 88 -3.73 -14.57 -11.43
N SER D 89 -4.82 -15.00 -12.08
CA SER D 89 -5.98 -15.60 -11.39
C SER D 89 -5.55 -16.95 -10.82
N TYR D 90 -4.93 -17.78 -11.68
CA TYR D 90 -4.27 -19.04 -11.27
C TYR D 90 -3.27 -18.88 -10.09
N LEU D 91 -2.40 -17.87 -10.14
CA LEU D 91 -1.44 -17.70 -9.02
C LEU D 91 -2.18 -17.31 -7.73
N GLY D 92 -3.24 -16.52 -7.91
CA GLY D 92 -4.12 -16.11 -6.81
C GLY D 92 -4.88 -17.19 -6.09
N VAL D 93 -5.41 -18.17 -6.83
CA VAL D 93 -6.18 -19.27 -6.19
C VAL D 93 -5.27 -20.28 -5.46
N ILE D 94 -4.00 -20.37 -5.84
CA ILE D 94 -3.10 -21.35 -5.26
C ILE D 94 -3.01 -21.24 -3.72
N MET D 95 -2.79 -20.04 -3.22
CA MET D 95 -2.57 -19.87 -1.82
C MET D 95 -3.86 -19.57 -1.01
N ALA D 96 -5.01 -19.53 -1.70
CA ALA D 96 -6.29 -19.36 -1.03
C ALA D 96 -6.70 -20.59 -0.18
N SER D 97 -7.18 -20.31 1.03
CA SER D 97 -7.67 -21.30 1.97
C SER D 97 -9.06 -20.84 2.33
N ASP D 98 -10.07 -21.66 2.01
CA ASP D 98 -11.49 -21.31 2.20
C ASP D 98 -11.83 -19.92 1.63
N GLY D 99 -11.15 -19.55 0.55
CA GLY D 99 -11.34 -18.23 -0.04
C GLY D 99 -10.49 -17.10 0.52
N ASP D 100 -9.87 -17.31 1.68
CA ASP D 100 -9.02 -16.29 2.29
C ASP D 100 -7.54 -16.50 1.90
N ILE D 101 -6.78 -15.40 1.76
CA ILE D 101 -5.30 -15.47 1.86
C ILE D 101 -4.84 -14.54 2.98
N ASP D 102 -3.75 -14.90 3.64
CA ASP D 102 -3.26 -14.02 4.69
C ASP D 102 -2.39 -12.91 4.08
N ASP D 103 -1.88 -12.03 4.93
CA ASP D 103 -1.06 -10.89 4.50
C ASP D 103 0.21 -11.25 3.73
N ASN D 104 0.98 -12.19 4.28
N ASN D 104 1.03 -12.16 4.25
CA ASN D 104 2.21 -12.67 3.65
CA ASN D 104 2.24 -12.55 3.50
C ASN D 104 2.00 -13.37 2.29
C ASN D 104 1.94 -13.24 2.17
N GLU D 105 0.83 -14.00 2.11
CA GLU D 105 0.46 -14.66 0.85
C GLU D 105 0.05 -13.66 -0.22
N LEU D 106 -0.69 -12.65 0.20
CA LEU D 106 -1.10 -11.59 -0.69
C LEU D 106 0.16 -10.87 -1.17
N ALA D 107 1.11 -10.70 -0.28
CA ALA D 107 2.36 -9.99 -0.57
C ALA D 107 3.14 -10.73 -1.67
N LEU D 108 3.19 -12.06 -1.55
CA LEU D 108 3.93 -12.87 -2.52
C LEU D 108 3.23 -12.85 -3.88
N TRP D 109 1.92 -13.07 -3.85
CA TRP D 109 1.13 -12.96 -5.05
C TRP D 109 1.34 -11.58 -5.71
N THR D 110 1.35 -10.52 -4.88
CA THR D 110 1.55 -9.15 -5.35
C THR D 110 2.94 -8.92 -6.02
N LEU D 111 3.99 -9.42 -5.35
CA LEU D 111 5.34 -9.30 -5.89
C LEU D 111 5.51 -9.99 -7.27
N ILE D 112 5.07 -11.24 -7.39
CA ILE D 112 5.31 -11.99 -8.63
C ILE D 112 4.43 -11.36 -9.74
N SER D 113 3.22 -10.91 -9.38
CA SER D 113 2.37 -10.19 -10.30
C SER D 113 3.06 -8.94 -10.85
N THR D 114 3.70 -8.17 -9.97
CA THR D 114 4.34 -6.91 -10.34
C THR D 114 5.45 -7.21 -11.31
N LEU D 115 6.34 -8.15 -10.95
CA LEU D 115 7.50 -8.49 -11.80
C LEU D 115 7.09 -9.08 -13.15
N CYS D 116 6.02 -9.85 -13.17
CA CYS D 116 5.45 -10.42 -14.42
C CYS D 116 4.54 -9.49 -15.23
N GLY D 117 4.22 -8.32 -14.68
CA GLY D 117 3.39 -7.35 -15.39
C GLY D 117 1.92 -7.72 -15.44
N LEU D 118 1.49 -8.42 -14.40
CA LEU D 118 0.17 -8.99 -14.35
C LEU D 118 -0.80 -8.00 -13.73
N PRO D 119 -2.10 -8.12 -14.06
CA PRO D 119 -3.06 -7.17 -13.48
C PRO D 119 -3.28 -7.42 -12.00
N THR D 120 -3.59 -6.38 -11.24
CA THR D 120 -3.98 -6.50 -9.84
C THR D 120 -5.45 -6.91 -9.73
N MET D 121 -5.72 -7.85 -8.82
CA MET D 121 -7.08 -8.31 -8.50
C MET D 121 -7.22 -8.77 -7.05
N THR D 122 -8.48 -8.92 -6.61
CA THR D 122 -8.78 -9.50 -5.31
C THR D 122 -8.74 -11.01 -5.46
N VAL D 123 -8.67 -11.70 -4.32
CA VAL D 123 -8.70 -13.17 -4.32
C VAL D 123 -10.07 -13.67 -4.84
N MET D 124 -11.16 -12.96 -4.53
CA MET D 124 -12.48 -13.32 -5.04
C MET D 124 -12.53 -13.32 -6.58
N GLU D 125 -11.96 -12.28 -7.21
CA GLU D 125 -11.87 -12.18 -8.69
C GLU D 125 -11.04 -13.33 -9.28
N ALA D 126 -9.93 -13.67 -8.63
CA ALA D 126 -9.08 -14.78 -9.08
C ALA D 126 -9.83 -16.11 -9.05
N ILE D 127 -10.45 -16.41 -7.91
CA ILE D 127 -11.39 -17.53 -7.82
C ILE D 127 -12.52 -17.48 -8.91
N ASN D 128 -13.18 -16.34 -9.08
CA ASN D 128 -14.23 -16.27 -10.10
C ASN D 128 -13.69 -16.48 -11.53
N ASN D 129 -12.50 -15.93 -11.80
CA ASN D 129 -11.80 -16.13 -13.08
C ASN D 129 -11.49 -17.60 -13.41
N MET D 130 -10.95 -18.33 -12.44
CA MET D 130 -10.58 -19.74 -12.63
C MET D 130 -11.80 -20.67 -12.81
N LYS D 131 -12.96 -20.21 -12.34
CA LYS D 131 -14.21 -20.92 -12.51
C LYS D 131 -14.76 -20.88 -13.94
N ASN D 132 -14.53 -19.77 -14.64
CA ASN D 132 -15.05 -19.60 -16.01
C ASN D 132 -14.12 -20.16 -17.09
N LEU D 133 -12.99 -20.72 -16.67
CA LEU D 133 -11.95 -21.22 -17.57
C LEU D 133 -12.11 -22.71 -17.88
#